data_4BDP
#
_entry.id   4BDP
#
_cell.length_a   86.241
_cell.length_b   93.275
_cell.length_c   106.374
_cell.angle_alpha   90.00
_cell.angle_beta   90.00
_cell.angle_gamma   90.00
#
_symmetry.space_group_name_H-M   'P 21 21 21'
#
loop_
_entity.id
_entity.type
_entity.pdbx_description
1 polymer "DNA (5'-D(*GP*CP*AP*TP*CP*AP*TP*GP*CP*AP*A)-3')"
2 polymer "DNA (5'-D(*TP*AP*TP*TP*GP*CP*AP*TP*GP*AP*TP*GP*C)-3')"
3 polymer 'PROTEIN (DNA POLYMERASE I)'
4 non-polymer 'SULFATE ION'
5 non-polymer 'MAGNESIUM ION'
6 water water
#
loop_
_entity_poly.entity_id
_entity_poly.type
_entity_poly.pdbx_seq_one_letter_code
_entity_poly.pdbx_strand_id
1 'polydeoxyribonucleotide' (DG)(DC)(DA)(DT)(DC)(DA)(DT)(DG)(DC)(DA)(DA) P
2 'polydeoxyribonucleotide' (DT)(DA)(DT)(DT)(DG)(DC)(DA)(DT)(DG)(DA)(DT)(DG)(DC) T
3 'polypeptide(L)'
;AAMAFTLADRVTEEMLADKAALVVEVVEENYHDAPIVGIAVVNEHGRFFLRPETALADPQFVAWLGDETKKKSMFDSKRA
AVALKWKGIELCGVSFDLLLAAYLLDPAQGVDDVRAAAKMKQYEAVRPDEAVYGKGAKRAVPDEPVLAEHLVRKAAAIWE
LERPFLDELRRNEQDRLLVELEQPLSSILAEMEFAGVKVDTKRLEQMGKELAEQLGTVEQRIYELAGQEFNINSPKQLGV
ILFEKLQLPVLKKTKTGYSTSADVLEKLAPYHEIVENILHYRQLGKLQSTYIEGLLKVVRPDTKKVHTIFNQALTQTGRL
SSTEPNLQNIPIRLEEGRKIRQAFVPSESDWLIFAADYSQIELRVLAHIAEDDNLMEAFRRDLDIHTKTAMDIFQVSEDE
VTPNMRRQAKAVNFGIVYGISDYGLAQNLNISRKEAAEFIERYFESFPGVKRYMENIVQEAKQKGYVTTLLHRRRYLPDI
TSRNFNVRSFAERMAMNTPIQGSAADIIKKAMIDLNARLKEERLQAHLLLQVHDELILEAPKEEMERLCRLVPEVMEQAV
TLRVPLKVDYHYGSTWYDAK
;
A
#
# COMPACT_ATOMS: atom_id res chain seq x y z
N ALA C 1 -30.73 -18.16 -18.24
CA ALA C 1 -31.01 -17.67 -19.61
C ALA C 1 -29.82 -16.85 -20.15
N ALA C 2 -29.42 -17.12 -21.39
CA ALA C 2 -28.29 -16.43 -22.01
C ALA C 2 -28.55 -14.94 -22.20
N MET C 3 -27.48 -14.18 -22.37
CA MET C 3 -27.62 -12.75 -22.57
C MET C 3 -27.39 -12.43 -24.03
N ALA C 4 -28.24 -11.58 -24.57
CA ALA C 4 -28.15 -11.21 -25.96
C ALA C 4 -27.11 -10.15 -26.19
N PHE C 5 -26.27 -10.38 -27.20
CA PHE C 5 -25.25 -9.44 -27.59
C PHE C 5 -24.85 -9.72 -29.02
N THR C 6 -24.19 -8.76 -29.63
CA THR C 6 -23.72 -8.89 -31.01
C THR C 6 -22.26 -9.26 -30.99
N LEU C 7 -21.91 -10.37 -31.65
CA LEU C 7 -20.51 -10.74 -31.73
C LEU C 7 -20.05 -10.08 -33.02
N ALA C 8 -19.60 -8.85 -32.91
CA ALA C 8 -19.17 -8.03 -34.04
C ALA C 8 -17.87 -8.43 -34.73
N ASP C 9 -17.87 -8.30 -36.05
CA ASP C 9 -16.71 -8.64 -36.86
C ASP C 9 -15.96 -7.39 -37.23
N ARG C 10 -16.57 -6.24 -36.96
CA ARG C 10 -15.94 -4.97 -37.24
C ARG C 10 -16.60 -3.93 -36.36
N VAL C 11 -15.92 -2.81 -36.15
CA VAL C 11 -16.42 -1.73 -35.32
C VAL C 11 -17.42 -0.85 -36.04
N THR C 12 -18.54 -0.55 -35.41
CA THR C 12 -19.54 0.30 -36.03
C THR C 12 -19.77 1.54 -35.18
N GLU C 13 -20.33 2.56 -35.81
CA GLU C 13 -20.58 3.83 -35.15
C GLU C 13 -21.39 3.74 -33.88
N GLU C 14 -22.32 2.82 -33.80
CA GLU C 14 -23.13 2.77 -32.60
C GLU C 14 -22.40 2.18 -31.44
N MET C 15 -21.26 1.57 -31.71
CA MET C 15 -20.45 1.00 -30.64
C MET C 15 -19.62 2.11 -30.03
N LEU C 16 -19.64 3.28 -30.66
CA LEU C 16 -18.87 4.42 -30.19
C LEU C 16 -19.70 5.55 -29.61
N ALA C 17 -20.75 5.23 -28.86
CA ALA C 17 -21.59 6.27 -28.29
C ALA C 17 -20.87 7.00 -27.15
N ASP C 18 -21.43 8.16 -26.77
CA ASP C 18 -20.92 9.05 -25.73
C ASP C 18 -20.82 8.52 -24.30
N LYS C 19 -21.42 7.36 -24.06
CA LYS C 19 -21.41 6.75 -22.75
C LYS C 19 -21.63 5.27 -22.90
N ALA C 20 -20.79 4.49 -22.24
CA ALA C 20 -20.89 3.05 -22.33
C ALA C 20 -20.11 2.38 -21.23
N ALA C 21 -20.50 1.14 -20.95
CA ALA C 21 -19.79 0.32 -19.99
C ALA C 21 -18.78 -0.36 -20.93
N LEU C 22 -17.50 -0.34 -20.55
CA LEU C 22 -16.47 -0.93 -21.38
C LEU C 22 -15.68 -1.96 -20.62
N VAL C 23 -15.38 -3.07 -21.29
CA VAL C 23 -14.59 -4.15 -20.73
C VAL C 23 -13.44 -4.45 -21.70
N VAL C 24 -12.21 -4.23 -21.23
CA VAL C 24 -11.00 -4.51 -22.01
C VAL C 24 -10.35 -5.56 -21.10
N GLU C 25 -10.60 -6.83 -21.38
CA GLU C 25 -10.11 -7.91 -20.53
C GLU C 25 -8.64 -8.32 -20.59
N VAL C 26 -8.01 -8.35 -19.42
CA VAL C 26 -6.62 -8.78 -19.29
C VAL C 26 -6.71 -9.83 -18.20
N VAL C 27 -6.59 -11.09 -18.58
CA VAL C 27 -6.70 -12.18 -17.63
C VAL C 27 -5.50 -12.39 -16.75
N GLU C 28 -4.31 -12.24 -17.30
CA GLU C 28 -3.11 -12.42 -16.49
C GLU C 28 -3.16 -11.51 -15.27
N GLU C 29 -2.89 -12.05 -14.09
CA GLU C 29 -2.94 -11.22 -12.89
C GLU C 29 -2.05 -10.00 -12.99
N ASN C 30 -0.85 -10.17 -13.54
CA ASN C 30 0.06 -9.05 -13.71
C ASN C 30 -0.18 -8.56 -15.13
N TYR C 31 -0.81 -7.41 -15.25
CA TYR C 31 -1.18 -6.87 -16.54
C TYR C 31 -0.10 -6.14 -17.34
N HIS C 32 1.11 -6.04 -16.82
CA HIS C 32 2.17 -5.34 -17.54
C HIS C 32 2.59 -6.07 -18.80
N ASP C 33 2.43 -5.42 -19.95
CA ASP C 33 2.76 -5.99 -21.25
C ASP C 33 2.00 -7.29 -21.49
N ALA C 34 0.83 -7.41 -20.89
CA ALA C 34 0.01 -8.61 -21.02
C ALA C 34 -1.03 -8.49 -22.12
N PRO C 35 -1.53 -9.63 -22.58
CA PRO C 35 -2.54 -9.64 -23.64
C PRO C 35 -3.92 -9.19 -23.22
N ILE C 36 -4.62 -8.58 -24.17
CA ILE C 36 -5.99 -8.15 -23.94
C ILE C 36 -6.71 -9.23 -24.71
N VAL C 37 -7.44 -10.08 -23.99
CA VAL C 37 -8.14 -11.23 -24.59
C VAL C 37 -9.52 -10.99 -25.19
N GLY C 38 -10.12 -9.84 -24.94
CA GLY C 38 -11.41 -9.59 -25.50
C GLY C 38 -11.91 -8.24 -25.06
N ILE C 39 -12.90 -7.73 -25.76
CA ILE C 39 -13.45 -6.43 -25.44
C ILE C 39 -14.97 -6.46 -25.50
N ALA C 40 -15.63 -5.80 -24.55
CA ALA C 40 -17.07 -5.74 -24.57
C ALA C 40 -17.47 -4.29 -24.34
N VAL C 41 -18.56 -3.90 -24.98
CA VAL C 41 -19.09 -2.56 -24.87
C VAL C 41 -20.58 -2.70 -24.72
N VAL C 42 -21.16 -1.97 -23.78
CA VAL C 42 -22.60 -2.01 -23.61
C VAL C 42 -23.02 -0.55 -23.53
N ASN C 43 -24.01 -0.18 -24.32
CA ASN C 43 -24.48 1.19 -24.34
C ASN C 43 -25.97 1.24 -24.68
N GLU C 44 -26.47 2.43 -24.96
CA GLU C 44 -27.88 2.61 -25.28
C GLU C 44 -28.28 1.81 -26.51
N HIS C 45 -27.34 1.63 -27.42
CA HIS C 45 -27.62 0.88 -28.64
C HIS C 45 -27.61 -0.63 -28.49
N GLY C 46 -27.14 -1.13 -27.35
CA GLY C 46 -27.11 -2.58 -27.18
C GLY C 46 -25.82 -3.12 -26.60
N ARG C 47 -25.62 -4.42 -26.76
CA ARG C 47 -24.45 -5.12 -26.23
C ARG C 47 -23.57 -5.68 -27.34
N PHE C 48 -22.26 -5.45 -27.21
CA PHE C 48 -21.30 -5.90 -28.22
C PHE C 48 -20.03 -6.54 -27.69
N PHE C 49 -19.49 -7.47 -28.48
CA PHE C 49 -18.22 -8.11 -28.16
C PHE C 49 -17.34 -7.94 -29.38
N LEU C 50 -16.12 -7.46 -29.17
CA LEU C 50 -15.19 -7.26 -30.25
C LEU C 50 -13.91 -8.05 -30.00
N ARG C 51 -13.35 -8.62 -31.05
CA ARG C 51 -12.11 -9.34 -30.88
C ARG C 51 -11.12 -8.19 -30.75
N PRO C 52 -10.15 -8.31 -29.85
CA PRO C 52 -9.16 -7.25 -29.63
C PRO C 52 -8.28 -6.96 -30.83
N GLU C 53 -7.87 -7.99 -31.55
CA GLU C 53 -7.02 -7.77 -32.71
C GLU C 53 -7.66 -6.85 -33.73
N THR C 54 -8.97 -6.93 -33.86
CA THR C 54 -9.65 -6.08 -34.82
C THR C 54 -10.03 -4.73 -34.21
N ALA C 55 -10.48 -4.72 -32.97
CA ALA C 55 -10.86 -3.46 -32.35
C ALA C 55 -9.66 -2.53 -32.12
N LEU C 56 -8.57 -3.09 -31.64
CA LEU C 56 -7.41 -2.28 -31.36
C LEU C 56 -6.65 -1.81 -32.60
N ALA C 57 -7.05 -2.32 -33.76
CA ALA C 57 -6.44 -1.95 -35.03
C ALA C 57 -7.35 -0.98 -35.77
N ASP C 58 -8.51 -0.69 -35.18
CA ASP C 58 -9.48 0.22 -35.81
C ASP C 58 -9.27 1.64 -35.34
N PRO C 59 -8.87 2.52 -36.27
CA PRO C 59 -8.63 3.91 -35.92
C PRO C 59 -9.77 4.56 -35.20
N GLN C 60 -11.00 4.24 -35.60
CA GLN C 60 -12.16 4.85 -34.99
C GLN C 60 -12.33 4.43 -33.53
N PHE C 61 -12.09 3.15 -33.25
CA PHE C 61 -12.21 2.64 -31.88
C PHE C 61 -11.10 3.20 -31.02
N VAL C 62 -9.87 3.23 -31.54
CA VAL C 62 -8.73 3.76 -30.80
C VAL C 62 -8.93 5.24 -30.47
N ALA C 63 -9.56 5.95 -31.40
CA ALA C 63 -9.82 7.37 -31.20
C ALA C 63 -10.89 7.51 -30.13
N TRP C 64 -11.89 6.65 -30.19
CA TRP C 64 -12.97 6.68 -29.20
C TRP C 64 -12.36 6.38 -27.82
N LEU C 65 -11.47 5.38 -27.75
CA LEU C 65 -10.83 5.04 -26.47
C LEU C 65 -10.14 6.25 -25.88
N GLY C 66 -9.47 7.03 -26.73
CA GLY C 66 -8.77 8.19 -26.23
C GLY C 66 -9.54 9.49 -26.20
N ASP C 67 -10.80 9.49 -26.61
CA ASP C 67 -11.56 10.73 -26.57
C ASP C 67 -12.11 10.94 -25.17
N GLU C 68 -11.61 11.94 -24.49
CA GLU C 68 -12.04 12.19 -23.14
C GLU C 68 -13.51 12.55 -23.02
N THR C 69 -14.15 12.94 -24.12
CA THR C 69 -15.58 13.30 -24.05
C THR C 69 -16.50 12.10 -24.17
N LYS C 70 -15.94 10.94 -24.49
CA LYS C 70 -16.72 9.72 -24.60
C LYS C 70 -16.50 9.01 -23.28
N LYS C 71 -17.51 9.06 -22.42
CA LYS C 71 -17.43 8.47 -21.09
C LYS C 71 -17.59 6.98 -21.04
N LYS C 72 -16.77 6.34 -20.22
CA LYS C 72 -16.80 4.90 -20.05
C LYS C 72 -16.93 4.57 -18.58
N SER C 73 -17.66 3.51 -18.31
CA SER C 73 -17.87 2.99 -16.97
C SER C 73 -17.16 1.65 -17.01
N MET C 74 -16.28 1.43 -16.05
CA MET C 74 -15.48 0.21 -16.02
C MET C 74 -15.25 -0.36 -14.62
N PHE C 75 -14.53 -1.48 -14.56
CA PHE C 75 -14.16 -2.11 -13.30
C PHE C 75 -12.64 -2.29 -13.43
N ASP C 76 -11.87 -1.60 -12.58
CA ASP C 76 -10.42 -1.68 -12.63
C ASP C 76 -9.88 -1.08 -13.94
N SER C 77 -10.22 0.18 -14.17
CA SER C 77 -9.78 0.84 -15.38
C SER C 77 -8.26 0.93 -15.43
N LYS C 78 -7.58 0.90 -14.27
CA LYS C 78 -6.12 1.00 -14.24
C LYS C 78 -5.49 -0.18 -14.95
N ARG C 79 -6.05 -1.37 -14.74
CA ARG C 79 -5.52 -2.56 -15.38
C ARG C 79 -5.61 -2.40 -16.90
N ALA C 80 -6.73 -1.86 -17.40
CA ALA C 80 -6.91 -1.69 -18.83
C ALA C 80 -6.01 -0.58 -19.35
N ALA C 81 -6.00 0.55 -18.65
CA ALA C 81 -5.17 1.68 -19.05
C ALA C 81 -3.71 1.30 -19.19
N VAL C 82 -3.19 0.51 -18.25
CA VAL C 82 -1.79 0.09 -18.32
C VAL C 82 -1.56 -0.88 -19.47
N ALA C 83 -2.45 -1.87 -19.61
CA ALA C 83 -2.32 -2.84 -20.69
C ALA C 83 -2.34 -2.10 -22.01
N LEU C 84 -3.15 -1.04 -22.11
CA LEU C 84 -3.25 -0.27 -23.34
C LEU C 84 -2.00 0.59 -23.53
N LYS C 85 -1.45 1.14 -22.44
CA LYS C 85 -0.24 1.94 -22.54
C LYS C 85 0.88 1.11 -23.15
N TRP C 86 0.98 -0.16 -22.74
CA TRP C 86 2.05 -1.03 -23.27
C TRP C 86 1.86 -1.27 -24.77
N LYS C 87 0.65 -1.01 -25.27
CA LYS C 87 0.34 -1.17 -26.69
C LYS C 87 0.27 0.19 -27.37
N GLY C 88 0.76 1.22 -26.68
CA GLY C 88 0.75 2.57 -27.22
C GLY C 88 -0.62 3.19 -27.44
N ILE C 89 -1.62 2.75 -26.69
CA ILE C 89 -2.96 3.28 -26.80
C ILE C 89 -3.39 3.98 -25.52
N GLU C 90 -3.96 5.17 -25.68
CA GLU C 90 -4.42 5.99 -24.57
C GLU C 90 -5.89 5.78 -24.26
N LEU C 91 -6.19 5.55 -22.98
CA LEU C 91 -7.54 5.36 -22.52
C LEU C 91 -7.89 6.60 -21.73
N CYS C 92 -8.96 7.28 -22.13
CA CYS C 92 -9.41 8.52 -21.47
C CYS C 92 -10.92 8.51 -21.25
N GLY C 93 -11.38 9.42 -20.41
CA GLY C 93 -12.81 9.51 -20.17
C GLY C 93 -13.44 8.47 -19.28
N VAL C 94 -12.67 7.80 -18.43
CA VAL C 94 -13.30 6.81 -17.56
C VAL C 94 -13.94 7.64 -16.46
N SER C 95 -15.27 7.72 -16.43
CA SER C 95 -15.95 8.51 -15.42
C SER C 95 -16.45 7.70 -14.22
N PHE C 96 -16.44 6.38 -14.33
CA PHE C 96 -16.90 5.55 -13.21
C PHE C 96 -16.15 4.23 -13.16
N ASP C 97 -15.58 3.90 -12.00
CA ASP C 97 -14.85 2.65 -11.84
C ASP C 97 -15.53 1.91 -10.70
N LEU C 98 -16.19 0.80 -11.04
CA LEU C 98 -16.93 0.00 -10.07
C LEU C 98 -16.04 -0.61 -8.99
N LEU C 99 -14.81 -0.97 -9.33
CA LEU C 99 -13.95 -1.53 -8.31
C LEU C 99 -13.66 -0.51 -7.23
N LEU C 100 -13.38 0.73 -7.63
CA LEU C 100 -13.07 1.77 -6.66
C LEU C 100 -14.33 2.17 -5.89
N ALA C 101 -15.47 2.16 -6.56
CA ALA C 101 -16.70 2.53 -5.90
C ALA C 101 -17.01 1.47 -4.87
N ALA C 102 -16.86 0.21 -5.22
CA ALA C 102 -17.15 -0.84 -4.26
C ALA C 102 -16.22 -0.73 -3.07
N TYR C 103 -14.95 -0.49 -3.33
CA TYR C 103 -13.95 -0.38 -2.29
C TYR C 103 -14.26 0.74 -1.31
N LEU C 104 -14.71 1.87 -1.82
CA LEU C 104 -15.02 2.97 -0.94
C LEU C 104 -16.25 2.69 -0.13
N LEU C 105 -17.23 1.97 -0.69
CA LEU C 105 -18.45 1.66 0.04
C LEU C 105 -18.14 0.71 1.18
N ASP C 106 -17.24 -0.23 0.96
CA ASP C 106 -16.87 -1.16 2.02
C ASP C 106 -15.64 -1.96 1.67
N PRO C 107 -14.45 -1.47 2.10
CA PRO C 107 -13.19 -2.17 1.82
C PRO C 107 -13.13 -3.58 2.37
N ALA C 108 -13.95 -3.88 3.37
CA ALA C 108 -13.95 -5.23 3.95
C ALA C 108 -14.59 -6.26 3.04
N GLN C 109 -15.44 -5.84 2.12
CA GLN C 109 -16.05 -6.81 1.25
C GLN C 109 -14.99 -7.62 0.49
N GLY C 110 -13.87 -6.99 0.19
CA GLY C 110 -12.82 -7.68 -0.54
C GLY C 110 -13.19 -7.88 -2.01
N VAL C 111 -13.96 -6.94 -2.54
CA VAL C 111 -14.39 -7.01 -3.92
C VAL C 111 -13.20 -7.00 -4.85
N ASP C 112 -13.05 -8.07 -5.63
CA ASP C 112 -11.97 -8.14 -6.59
C ASP C 112 -12.40 -8.57 -7.98
N ASP C 113 -13.71 -8.60 -8.22
CA ASP C 113 -14.24 -8.90 -9.55
C ASP C 113 -15.64 -8.32 -9.61
N VAL C 114 -16.14 -8.13 -10.82
CA VAL C 114 -17.47 -7.55 -11.02
C VAL C 114 -18.54 -8.31 -10.30
N ARG C 115 -18.42 -9.64 -10.28
CA ARG C 115 -19.42 -10.46 -9.61
C ARG C 115 -19.57 -10.08 -8.13
N ALA C 116 -18.45 -9.90 -7.46
CA ALA C 116 -18.45 -9.55 -6.05
C ALA C 116 -19.07 -8.17 -5.80
N ALA C 117 -18.81 -7.22 -6.68
CA ALA C 117 -19.37 -5.90 -6.51
C ALA C 117 -20.86 -5.94 -6.78
N ALA C 118 -21.27 -6.66 -7.82
CA ALA C 118 -22.69 -6.77 -8.17
C ALA C 118 -23.52 -7.38 -7.05
N LYS C 119 -22.96 -8.35 -6.36
CA LYS C 119 -23.64 -9.01 -5.25
C LYS C 119 -24.05 -8.00 -4.19
N MET C 120 -23.21 -7.01 -3.94
CA MET C 120 -23.54 -6.02 -2.93
C MET C 120 -24.91 -5.44 -3.21
N LYS C 121 -25.32 -5.44 -4.48
CA LYS C 121 -26.61 -4.88 -4.83
C LYS C 121 -27.62 -5.90 -5.37
N GLN C 122 -27.52 -7.14 -4.91
CA GLN C 122 -28.46 -8.20 -5.31
C GLN C 122 -28.54 -8.48 -6.79
N TYR C 123 -27.43 -8.26 -7.46
CA TYR C 123 -27.35 -8.50 -8.89
C TYR C 123 -26.42 -9.70 -9.03
N GLU C 124 -26.94 -10.80 -9.55
CA GLU C 124 -26.12 -12.00 -9.70
C GLU C 124 -26.07 -12.61 -11.08
N ALA C 125 -26.44 -11.83 -12.09
CA ALA C 125 -26.47 -12.24 -13.49
C ALA C 125 -25.11 -12.12 -14.18
N VAL C 126 -24.06 -12.43 -13.43
CA VAL C 126 -22.70 -12.38 -13.91
C VAL C 126 -21.89 -13.36 -13.06
N ARG C 127 -20.98 -14.09 -13.69
CA ARG C 127 -20.16 -15.09 -12.99
C ARG C 127 -18.88 -14.54 -12.42
N PRO C 128 -18.37 -15.17 -11.35
CA PRO C 128 -17.12 -14.71 -10.76
C PRO C 128 -16.04 -15.01 -11.79
N ASP C 129 -15.00 -14.19 -11.86
CA ASP C 129 -13.93 -14.44 -12.82
C ASP C 129 -13.31 -15.83 -12.64
N GLU C 130 -13.06 -16.21 -11.39
CA GLU C 130 -12.47 -17.51 -11.12
C GLU C 130 -13.30 -18.67 -11.65
N ALA C 131 -14.61 -18.51 -11.65
CA ALA C 131 -15.48 -19.54 -12.16
C ALA C 131 -15.31 -19.69 -13.66
N VAL C 132 -14.90 -18.62 -14.34
CA VAL C 132 -14.77 -18.67 -15.78
C VAL C 132 -13.36 -19.04 -16.23
N TYR C 133 -12.36 -18.42 -15.62
CA TYR C 133 -10.97 -18.66 -16.00
C TYR C 133 -10.29 -19.76 -15.21
N GLY C 134 -10.83 -20.10 -14.06
CA GLY C 134 -10.20 -21.12 -13.26
C GLY C 134 -9.10 -20.47 -12.46
N LYS C 135 -8.38 -21.26 -11.67
CA LYS C 135 -7.32 -20.70 -10.84
C LYS C 135 -5.98 -21.41 -10.98
N GLY C 136 -4.92 -20.71 -10.58
CA GLY C 136 -3.57 -21.26 -10.64
C GLY C 136 -3.15 -21.89 -11.94
N ALA C 137 -2.93 -23.20 -11.91
CA ALA C 137 -2.49 -23.94 -13.09
C ALA C 137 -3.60 -24.14 -14.11
N LYS C 138 -4.81 -24.42 -13.64
CA LYS C 138 -5.91 -24.63 -14.55
C LYS C 138 -6.40 -23.32 -15.15
N ARG C 139 -5.80 -22.20 -14.75
CA ARG C 139 -6.23 -20.92 -15.28
C ARG C 139 -6.21 -20.96 -16.78
N ALA C 140 -7.05 -20.16 -17.42
CA ALA C 140 -7.10 -20.16 -18.87
C ALA C 140 -8.28 -19.41 -19.44
N VAL C 141 -8.05 -18.84 -20.62
CA VAL C 141 -9.07 -18.10 -21.34
C VAL C 141 -9.88 -19.15 -22.07
N PRO C 142 -11.20 -19.15 -21.90
CA PRO C 142 -12.04 -20.15 -22.57
C PRO C 142 -12.31 -19.81 -24.02
N ASP C 143 -13.13 -20.62 -24.66
CA ASP C 143 -13.43 -20.40 -26.05
C ASP C 143 -14.28 -19.16 -26.22
N GLU C 144 -14.18 -18.57 -27.40
CA GLU C 144 -14.87 -17.34 -27.71
C GLU C 144 -16.29 -17.16 -27.22
N PRO C 145 -17.15 -18.15 -27.45
CA PRO C 145 -18.53 -18.02 -27.00
C PRO C 145 -18.64 -17.78 -25.51
N VAL C 146 -17.92 -18.61 -24.76
CA VAL C 146 -17.95 -18.52 -23.32
C VAL C 146 -17.31 -17.21 -22.85
N LEU C 147 -16.17 -16.88 -23.45
CA LEU C 147 -15.46 -15.65 -23.13
C LEU C 147 -16.36 -14.44 -23.42
N ALA C 148 -16.89 -14.41 -24.63
CA ALA C 148 -17.75 -13.34 -25.12
C ALA C 148 -18.94 -13.07 -24.25
N GLU C 149 -19.61 -14.11 -23.78
CA GLU C 149 -20.76 -13.85 -22.95
C GLU C 149 -20.37 -13.36 -21.58
N HIS C 150 -19.24 -13.84 -21.07
CA HIS C 150 -18.80 -13.39 -19.76
C HIS C 150 -18.50 -11.90 -19.78
N LEU C 151 -17.72 -11.46 -20.76
CA LEU C 151 -17.36 -10.06 -20.85
C LEU C 151 -18.60 -9.19 -21.06
N VAL C 152 -19.56 -9.69 -21.83
CA VAL C 152 -20.79 -8.94 -22.08
C VAL C 152 -21.58 -8.82 -20.78
N ARG C 153 -21.68 -9.92 -20.03
CA ARG C 153 -22.41 -9.89 -18.77
C ARG C 153 -21.76 -8.97 -17.76
N LYS C 154 -20.43 -8.91 -17.77
CA LYS C 154 -19.72 -8.01 -16.85
C LYS C 154 -20.00 -6.56 -17.26
N ALA C 155 -19.95 -6.26 -18.55
CA ALA C 155 -20.21 -4.91 -19.01
C ALA C 155 -21.67 -4.51 -18.72
N ALA C 156 -22.58 -5.47 -18.79
CA ALA C 156 -23.99 -5.21 -18.51
C ALA C 156 -24.21 -4.90 -17.05
N ALA C 157 -23.51 -5.63 -16.18
CA ALA C 157 -23.63 -5.38 -14.76
C ALA C 157 -23.10 -3.99 -14.45
N ILE C 158 -21.96 -3.63 -15.02
CA ILE C 158 -21.43 -2.31 -14.76
C ILE C 158 -22.40 -1.25 -15.24
N TRP C 159 -22.99 -1.47 -16.40
CA TRP C 159 -23.95 -0.53 -16.96
C TRP C 159 -25.15 -0.36 -16.00
N GLU C 160 -25.59 -1.46 -15.42
CA GLU C 160 -26.71 -1.47 -14.51
C GLU C 160 -26.42 -0.94 -13.12
N LEU C 161 -25.24 -1.26 -12.61
CA LEU C 161 -24.87 -0.88 -11.25
C LEU C 161 -24.30 0.50 -10.99
N GLU C 162 -23.90 1.21 -12.05
CA GLU C 162 -23.33 2.53 -11.88
C GLU C 162 -24.21 3.45 -11.05
N ARG C 163 -25.47 3.59 -11.43
CA ARG C 163 -26.38 4.48 -10.70
C ARG C 163 -26.52 4.13 -9.23
N PRO C 164 -26.93 2.90 -8.92
CA PRO C 164 -27.05 2.54 -7.50
C PRO C 164 -25.78 2.76 -6.68
N PHE C 165 -24.62 2.49 -7.26
CA PHE C 165 -23.37 2.67 -6.53
C PHE C 165 -23.04 4.14 -6.29
N LEU C 166 -23.26 4.97 -7.30
CA LEU C 166 -23.01 6.40 -7.18
C LEU C 166 -24.03 7.00 -6.20
N ASP C 167 -25.25 6.48 -6.18
CA ASP C 167 -26.28 6.97 -5.27
C ASP C 167 -25.89 6.72 -3.82
N GLU C 168 -25.37 5.53 -3.53
CA GLU C 168 -24.97 5.20 -2.16
C GLU C 168 -23.73 5.96 -1.77
N LEU C 169 -22.82 6.18 -2.72
CA LEU C 169 -21.61 6.93 -2.44
C LEU C 169 -22.02 8.34 -2.03
N ARG C 170 -22.98 8.91 -2.73
CA ARG C 170 -23.47 10.27 -2.43
C ARG C 170 -24.09 10.34 -1.03
N ARG C 171 -24.89 9.33 -0.68
CA ARG C 171 -25.54 9.24 0.63
C ARG C 171 -24.46 9.20 1.72
N ASN C 172 -23.38 8.49 1.44
CA ASN C 172 -22.25 8.36 2.34
C ASN C 172 -21.36 9.60 2.30
N GLU C 173 -21.68 10.54 1.42
CA GLU C 173 -20.85 11.72 1.26
C GLU C 173 -19.48 11.29 0.76
N GLN C 174 -19.47 10.30 -0.11
CA GLN C 174 -18.23 9.78 -0.67
C GLN C 174 -18.19 9.98 -2.19
N ASP C 175 -19.12 10.76 -2.72
CA ASP C 175 -19.13 10.98 -4.16
C ASP C 175 -17.86 11.68 -4.64
N ARG C 176 -17.41 12.70 -3.90
CA ARG C 176 -16.20 13.42 -4.28
C ARG C 176 -14.96 12.55 -4.05
N LEU C 177 -15.01 11.71 -3.03
CA LEU C 177 -13.88 10.80 -2.74
C LEU C 177 -13.59 9.98 -3.98
N LEU C 178 -14.64 9.42 -4.57
CA LEU C 178 -14.46 8.59 -5.76
C LEU C 178 -14.07 9.40 -6.98
N VAL C 179 -14.86 10.42 -7.28
CA VAL C 179 -14.63 11.21 -8.48
C VAL C 179 -13.46 12.19 -8.48
N GLU C 180 -13.16 12.76 -7.32
CA GLU C 180 -12.07 13.71 -7.26
C GLU C 180 -10.78 13.18 -6.64
N LEU C 181 -10.84 12.06 -5.93
CA LEU C 181 -9.62 11.53 -5.37
C LEU C 181 -9.21 10.19 -5.97
N GLU C 182 -9.94 9.11 -5.72
CA GLU C 182 -9.52 7.81 -6.22
C GLU C 182 -9.46 7.61 -7.73
N GLN C 183 -10.45 8.11 -8.46
CA GLN C 183 -10.43 7.92 -9.90
C GLN C 183 -9.26 8.67 -10.53
N PRO C 184 -9.05 9.96 -10.21
CA PRO C 184 -7.90 10.63 -10.84
C PRO C 184 -6.58 9.97 -10.35
N LEU C 185 -6.55 9.51 -9.11
CA LEU C 185 -5.33 8.88 -8.61
C LEU C 185 -5.06 7.62 -9.41
N SER C 186 -6.12 6.90 -9.74
CA SER C 186 -5.97 5.68 -10.50
C SER C 186 -5.12 5.93 -11.76
N SER C 187 -5.38 7.04 -12.46
CA SER C 187 -4.62 7.36 -13.68
C SER C 187 -3.15 7.64 -13.39
N ILE C 188 -2.90 8.29 -12.25
CA ILE C 188 -1.53 8.62 -11.85
C ILE C 188 -0.75 7.34 -11.52
N LEU C 189 -1.41 6.40 -10.85
CA LEU C 189 -0.78 5.13 -10.49
C LEU C 189 -0.43 4.33 -11.76
N ALA C 190 -1.28 4.39 -12.75
CA ALA C 190 -1.04 3.69 -14.00
C ALA C 190 0.20 4.24 -14.70
N GLU C 191 0.40 5.54 -14.62
CA GLU C 191 1.56 6.18 -15.22
C GLU C 191 2.79 5.72 -14.47
N MET C 192 2.69 5.71 -13.14
CA MET C 192 3.81 5.31 -12.29
C MET C 192 4.21 3.88 -12.57
N GLU C 193 3.23 2.99 -12.61
CA GLU C 193 3.47 1.58 -12.84
C GLU C 193 4.08 1.35 -14.23
N PHE C 194 3.54 2.06 -15.21
CA PHE C 194 4.03 1.93 -16.58
C PHE C 194 5.46 2.44 -16.70
N ALA C 195 5.76 3.57 -16.05
CA ALA C 195 7.11 4.14 -16.08
C ALA C 195 8.12 3.15 -15.51
N GLY C 196 7.81 2.56 -14.37
CA GLY C 196 8.74 1.61 -13.78
C GLY C 196 9.92 2.28 -13.14
N VAL C 197 10.77 1.50 -12.47
CA VAL C 197 11.96 2.02 -11.82
C VAL C 197 13.12 1.20 -12.36
N LYS C 198 14.16 1.88 -12.81
CA LYS C 198 15.30 1.20 -13.37
C LYS C 198 16.11 0.55 -12.27
N VAL C 199 16.63 -0.64 -12.57
CA VAL C 199 17.44 -1.36 -11.61
C VAL C 199 18.83 -1.61 -12.15
N ASP C 200 19.82 -1.39 -11.30
CA ASP C 200 21.21 -1.60 -11.65
C ASP C 200 21.47 -3.04 -11.27
N THR C 201 21.15 -3.96 -12.18
CA THR C 201 21.31 -5.39 -11.94
C THR C 201 22.73 -5.83 -11.71
N LYS C 202 23.70 -5.12 -12.29
CA LYS C 202 25.09 -5.50 -12.05
C LYS C 202 25.40 -5.22 -10.59
N ARG C 203 24.86 -4.13 -10.08
CA ARG C 203 25.09 -3.78 -8.70
C ARG C 203 24.42 -4.84 -7.83
N LEU C 204 23.18 -5.19 -8.18
CA LEU C 204 22.46 -6.21 -7.42
C LEU C 204 23.22 -7.54 -7.42
N GLU C 205 23.85 -7.88 -8.55
CA GLU C 205 24.60 -9.13 -8.62
C GLU C 205 25.89 -9.05 -7.79
N GLN C 206 26.52 -7.90 -7.74
CA GLN C 206 27.74 -7.77 -6.95
C GLN C 206 27.38 -8.04 -5.49
N MET C 207 26.34 -7.37 -5.01
CA MET C 207 25.87 -7.50 -3.62
C MET C 207 25.51 -8.93 -3.27
N GLY C 208 24.76 -9.58 -4.14
CA GLY C 208 24.39 -10.94 -3.87
C GLY C 208 25.60 -11.85 -3.78
N LYS C 209 26.65 -11.51 -4.52
CA LYS C 209 27.86 -12.30 -4.53
C LYS C 209 28.57 -12.23 -3.17
N GLU C 210 28.63 -11.03 -2.59
CA GLU C 210 29.26 -10.85 -1.30
C GLU C 210 28.39 -11.41 -0.19
N LEU C 211 27.08 -11.33 -0.36
CA LEU C 211 26.15 -11.86 0.63
C LEU C 211 26.37 -13.36 0.71
N ALA C 212 26.50 -14.00 -0.46
CA ALA C 212 26.69 -15.42 -0.52
C ALA C 212 27.95 -15.83 0.23
N GLU C 213 29.00 -15.03 0.11
CA GLU C 213 30.23 -15.35 0.82
C GLU C 213 29.96 -15.28 2.30
N GLN C 214 29.43 -14.15 2.74
CA GLN C 214 29.12 -13.94 4.15
C GLN C 214 28.19 -14.99 4.73
N LEU C 215 27.14 -15.30 4.00
CA LEU C 215 26.20 -16.31 4.45
C LEU C 215 26.95 -17.61 4.71
N GLY C 216 27.86 -17.96 3.80
CA GLY C 216 28.63 -19.18 3.94
C GLY C 216 29.51 -19.21 5.17
N THR C 217 30.12 -18.08 5.49
CA THR C 217 30.99 -18.02 6.67
C THR C 217 30.18 -18.15 7.94
N VAL C 218 29.06 -17.43 8.02
CA VAL C 218 28.22 -17.48 9.20
C VAL C 218 27.63 -18.86 9.33
N GLU C 219 27.17 -19.40 8.21
CA GLU C 219 26.58 -20.71 8.20
C GLU C 219 27.57 -21.69 8.81
N GLN C 220 28.82 -21.64 8.35
CA GLN C 220 29.88 -22.52 8.85
C GLN C 220 30.09 -22.35 10.34
N ARG C 221 30.11 -21.10 10.78
CA ARG C 221 30.30 -20.79 12.18
C ARG C 221 29.15 -21.36 12.99
N ILE C 222 27.96 -21.33 12.43
CA ILE C 222 26.79 -21.85 13.13
C ILE C 222 26.90 -23.35 13.36
N TYR C 223 27.30 -24.08 12.33
CA TYR C 223 27.43 -25.53 12.45
C TYR C 223 28.53 -25.81 13.47
N GLU C 224 29.52 -24.94 13.48
CA GLU C 224 30.65 -25.05 14.40
C GLU C 224 30.17 -24.97 15.85
N LEU C 225 29.32 -23.99 16.14
CA LEU C 225 28.80 -23.77 17.49
C LEU C 225 27.68 -24.71 17.92
N ALA C 226 27.06 -25.41 16.98
CA ALA C 226 25.99 -26.32 17.31
C ALA C 226 26.49 -27.75 17.49
N GLY C 227 27.70 -28.01 16.99
CA GLY C 227 28.24 -29.34 17.11
C GLY C 227 27.81 -30.22 15.96
N GLN C 228 27.24 -29.60 14.94
CA GLN C 228 26.81 -30.35 13.76
C GLN C 228 26.03 -29.49 12.76
N GLU C 229 25.70 -30.05 11.61
CA GLU C 229 24.97 -29.30 10.61
C GLU C 229 23.48 -29.56 10.67
N PHE C 230 22.70 -28.64 10.10
CA PHE C 230 21.26 -28.75 10.07
C PHE C 230 20.70 -27.60 9.25
N ASN C 231 19.43 -27.67 8.91
CA ASN C 231 18.81 -26.62 8.10
C ASN C 231 18.43 -25.44 8.97
N ILE C 232 19.35 -24.52 9.11
CA ILE C 232 19.11 -23.35 9.92
C ILE C 232 17.78 -22.71 9.60
N ASN C 233 17.19 -23.08 8.47
CA ASN C 233 15.93 -22.43 8.09
C ASN C 233 14.64 -23.08 8.53
N SER C 234 14.73 -24.23 9.19
CA SER C 234 13.55 -24.93 9.68
C SER C 234 13.41 -24.69 11.18
N PRO C 235 12.79 -23.56 11.57
CA PRO C 235 12.58 -23.21 12.98
C PRO C 235 12.37 -24.44 13.87
N LYS C 236 11.93 -25.53 13.27
CA LYS C 236 11.69 -26.78 13.99
C LYS C 236 13.01 -27.51 14.18
N GLN C 237 13.76 -27.66 13.10
CA GLN C 237 15.06 -28.29 13.14
C GLN C 237 15.95 -27.36 13.96
N LEU C 238 15.69 -26.08 13.82
CA LEU C 238 16.40 -25.02 14.52
C LEU C 238 16.05 -25.11 16.00
N GLY C 239 14.75 -25.25 16.28
CA GLY C 239 14.27 -25.35 17.65
C GLY C 239 14.86 -26.51 18.43
N VAL C 240 15.24 -27.56 17.73
CA VAL C 240 15.81 -28.71 18.40
C VAL C 240 17.26 -28.43 18.80
N ILE C 241 18.02 -27.79 17.91
CA ILE C 241 19.40 -27.51 18.21
C ILE C 241 19.53 -26.57 19.39
N LEU C 242 18.67 -25.55 19.42
CA LEU C 242 18.72 -24.54 20.46
C LEU C 242 18.14 -24.95 21.81
N PHE C 243 16.89 -25.39 21.80
CA PHE C 243 16.22 -25.74 23.04
C PHE C 243 16.40 -27.14 23.56
N GLU C 244 17.02 -28.01 22.77
CA GLU C 244 17.24 -29.35 23.22
C GLU C 244 18.75 -29.60 23.28
N LYS C 245 19.44 -29.52 22.15
CA LYS C 245 20.89 -29.75 22.19
C LYS C 245 21.64 -28.76 23.09
N LEU C 246 21.38 -27.46 22.89
CA LEU C 246 22.08 -26.44 23.66
C LEU C 246 21.35 -25.97 24.91
N GLN C 247 20.18 -26.54 25.17
CA GLN C 247 19.44 -26.22 26.39
C GLN C 247 19.10 -24.75 26.62
N LEU C 248 18.88 -23.98 25.58
CA LEU C 248 18.53 -22.59 25.79
C LEU C 248 17.14 -22.59 26.40
N PRO C 249 16.81 -21.54 27.16
CA PRO C 249 15.49 -21.44 27.79
C PRO C 249 14.38 -21.31 26.73
N VAL C 250 13.22 -21.88 27.02
CA VAL C 250 12.13 -21.80 26.06
C VAL C 250 11.12 -20.78 26.53
N LEU C 251 11.34 -19.50 26.22
CA LEU C 251 10.41 -18.46 26.65
C LEU C 251 9.26 -18.24 25.69
N LYS C 252 9.26 -19.00 24.61
CA LYS C 252 8.21 -18.92 23.59
C LYS C 252 8.29 -20.15 22.67
N LYS C 253 7.13 -20.69 22.32
CA LYS C 253 7.08 -21.87 21.44
C LYS C 253 5.93 -21.73 20.44
N THR C 254 6.08 -22.32 19.26
CA THR C 254 5.09 -22.23 18.18
C THR C 254 3.93 -23.22 18.22
N LYS C 255 2.86 -22.89 17.50
CA LYS C 255 1.68 -23.74 17.44
C LYS C 255 2.01 -25.06 16.76
N THR C 256 3.26 -25.50 16.91
CA THR C 256 3.72 -26.75 16.30
C THR C 256 5.17 -27.09 16.70
N GLY C 257 5.84 -26.15 17.36
CA GLY C 257 7.24 -26.35 17.78
C GLY C 257 7.71 -25.19 18.65
N TYR C 258 8.99 -24.84 18.59
CA TYR C 258 9.45 -23.71 19.42
C TYR C 258 9.52 -22.44 18.58
N SER C 259 9.33 -21.29 19.22
CA SER C 259 9.40 -20.03 18.51
C SER C 259 10.84 -19.54 18.48
N THR C 260 11.35 -19.21 17.29
CA THR C 260 12.70 -18.70 17.14
C THR C 260 12.67 -17.34 16.44
N SER C 261 11.63 -16.55 16.71
CA SER C 261 11.54 -15.23 16.08
C SER C 261 12.64 -14.38 16.71
N ALA C 262 13.02 -13.31 16.03
CA ALA C 262 14.12 -12.45 16.49
C ALA C 262 13.98 -11.88 17.88
N ASP C 263 12.76 -11.54 18.28
CA ASP C 263 12.55 -11.00 19.61
C ASP C 263 12.92 -12.06 20.67
N VAL C 264 12.66 -13.32 20.35
CA VAL C 264 12.99 -14.40 21.27
C VAL C 264 14.51 -14.58 21.28
N LEU C 265 15.10 -14.72 20.11
CA LEU C 265 16.54 -14.92 20.00
C LEU C 265 17.30 -13.79 20.65
N GLU C 266 16.76 -12.59 20.56
CA GLU C 266 17.40 -11.42 21.15
C GLU C 266 17.55 -11.58 22.66
N LYS C 267 16.56 -12.18 23.30
CA LYS C 267 16.64 -12.39 24.73
C LYS C 267 17.57 -13.54 25.06
N LEU C 268 17.71 -14.50 24.14
CA LEU C 268 18.56 -15.67 24.36
C LEU C 268 20.02 -15.40 24.10
N ALA C 269 20.30 -14.39 23.29
CA ALA C 269 21.67 -14.05 22.91
C ALA C 269 22.70 -14.16 24.02
N PRO C 270 22.38 -13.63 25.19
CA PRO C 270 23.38 -13.72 26.26
C PRO C 270 23.80 -15.12 26.68
N TYR C 271 23.01 -16.14 26.37
CA TYR C 271 23.36 -17.48 26.81
C TYR C 271 24.31 -18.27 25.94
N HIS C 272 24.37 -17.93 24.67
CA HIS C 272 25.19 -18.71 23.76
C HIS C 272 25.56 -17.92 22.51
N GLU C 273 26.81 -18.07 22.08
CA GLU C 273 27.33 -17.38 20.89
C GLU C 273 26.64 -17.79 19.59
N ILE C 274 26.01 -18.96 19.55
CA ILE C 274 25.32 -19.40 18.34
C ILE C 274 24.15 -18.49 17.99
N VAL C 275 23.55 -17.88 18.99
CA VAL C 275 22.39 -17.03 18.76
C VAL C 275 22.64 -15.78 17.92
N GLU C 276 23.74 -15.06 18.21
CA GLU C 276 24.03 -13.86 17.45
C GLU C 276 24.31 -14.24 16.01
N ASN C 277 24.82 -15.45 15.79
CA ASN C 277 25.11 -15.91 14.44
C ASN C 277 23.83 -16.29 13.69
N ILE C 278 22.85 -16.80 14.42
CA ILE C 278 21.58 -17.16 13.81
C ILE C 278 20.86 -15.89 13.38
N LEU C 279 20.96 -14.85 14.19
CA LEU C 279 20.32 -13.59 13.87
C LEU C 279 20.98 -12.99 12.64
N HIS C 280 22.30 -13.02 12.61
CA HIS C 280 23.04 -12.47 11.49
C HIS C 280 22.72 -13.25 10.21
N TYR C 281 22.65 -14.57 10.34
CA TYR C 281 22.33 -15.41 9.20
C TYR C 281 20.94 -15.07 8.70
N ARG C 282 20.06 -14.69 9.63
CA ARG C 282 18.70 -14.35 9.27
C ARG C 282 18.63 -13.04 8.48
N GLN C 283 19.46 -12.08 8.87
CA GLN C 283 19.49 -10.81 8.21
C GLN C 283 19.97 -10.96 6.79
N LEU C 284 21.17 -11.53 6.65
CA LEU C 284 21.76 -11.73 5.34
C LEU C 284 20.86 -12.58 4.47
N GLY C 285 20.30 -13.63 5.06
CA GLY C 285 19.42 -14.52 4.32
C GLY C 285 18.19 -13.85 3.78
N LYS C 286 17.63 -12.93 4.55
CA LYS C 286 16.45 -12.19 4.13
C LYS C 286 16.79 -11.30 2.92
N LEU C 287 17.94 -10.65 2.97
CA LEU C 287 18.37 -9.78 1.91
C LEU C 287 18.59 -10.59 0.66
N GLN C 288 19.29 -11.70 0.81
CA GLN C 288 19.60 -12.56 -0.32
C GLN C 288 18.37 -13.11 -1.02
N SER C 289 17.55 -13.83 -0.28
CA SER C 289 16.35 -14.45 -0.81
C SER C 289 15.31 -13.50 -1.35
N THR C 290 14.92 -12.55 -0.51
CA THR C 290 13.88 -11.61 -0.89
C THR C 290 14.26 -10.41 -1.69
N TYR C 291 15.40 -9.82 -1.37
CA TYR C 291 15.82 -8.59 -2.01
C TYR C 291 16.89 -8.63 -3.09
N ILE C 292 17.59 -9.73 -3.24
CA ILE C 292 18.57 -9.78 -4.30
C ILE C 292 17.96 -10.72 -5.34
N GLU C 293 17.76 -11.96 -4.91
CA GLU C 293 17.20 -12.99 -5.77
C GLU C 293 15.77 -12.69 -6.15
N GLY C 294 14.93 -12.39 -5.17
CA GLY C 294 13.54 -12.08 -5.45
C GLY C 294 13.37 -10.95 -6.43
N LEU C 295 14.14 -9.87 -6.23
CA LEU C 295 14.09 -8.70 -7.09
C LEU C 295 14.47 -9.03 -8.49
N LEU C 296 15.65 -9.61 -8.65
CA LEU C 296 16.17 -9.97 -9.96
C LEU C 296 15.16 -10.77 -10.79
N LYS C 297 14.34 -11.54 -10.11
CA LYS C 297 13.33 -12.37 -10.77
C LYS C 297 12.27 -11.57 -11.52
N VAL C 298 12.00 -10.35 -11.07
CA VAL C 298 10.97 -9.57 -11.72
C VAL C 298 11.47 -8.38 -12.53
N VAL C 299 12.78 -8.26 -12.68
CA VAL C 299 13.33 -7.16 -13.47
C VAL C 299 13.12 -7.54 -14.94
N ARG C 300 12.66 -6.60 -15.77
CA ARG C 300 12.45 -6.88 -17.18
C ARG C 300 13.82 -6.99 -17.81
N PRO C 301 14.11 -8.15 -18.40
CA PRO C 301 15.38 -8.41 -19.05
C PRO C 301 15.78 -7.40 -20.11
N ASP C 302 14.83 -6.83 -20.83
CA ASP C 302 15.24 -5.88 -21.84
C ASP C 302 15.51 -4.50 -21.26
N THR C 303 14.57 -3.94 -20.52
CA THR C 303 14.78 -2.61 -19.96
C THR C 303 15.44 -2.53 -18.59
N LYS C 304 15.55 -3.65 -17.89
CA LYS C 304 16.13 -3.67 -16.54
C LYS C 304 15.28 -2.85 -15.57
N LYS C 305 13.99 -2.75 -15.87
CA LYS C 305 13.08 -2.01 -15.01
C LYS C 305 12.17 -2.98 -14.28
N VAL C 306 11.66 -2.55 -13.12
CA VAL C 306 10.70 -3.34 -12.41
C VAL C 306 9.42 -2.51 -12.47
N HIS C 307 8.28 -3.16 -12.75
CA HIS C 307 7.00 -2.48 -12.82
C HIS C 307 6.02 -3.05 -11.77
N THR C 308 5.99 -2.42 -10.60
CA THR C 308 5.10 -2.86 -9.53
C THR C 308 3.68 -2.58 -9.95
N ILE C 309 2.73 -3.13 -9.21
CA ILE C 309 1.34 -2.84 -9.47
C ILE C 309 0.87 -2.36 -8.12
N PHE C 310 0.30 -1.16 -8.07
CA PHE C 310 -0.21 -0.63 -6.82
C PHE C 310 -1.67 -1.04 -6.70
N ASN C 311 -1.97 -1.84 -5.68
CA ASN C 311 -3.35 -2.26 -5.44
C ASN C 311 -4.01 -1.13 -4.72
N GLN C 312 -4.91 -0.46 -5.42
CA GLN C 312 -5.59 0.69 -4.88
C GLN C 312 -6.88 0.35 -4.19
N ALA C 313 -7.31 -0.92 -4.25
CA ALA C 313 -8.58 -1.32 -3.63
C ALA C 313 -8.44 -2.53 -2.74
N LEU C 314 -7.51 -2.47 -1.81
CA LEU C 314 -7.30 -3.59 -0.94
C LEU C 314 -7.21 -3.29 0.57
N THR C 315 -6.37 -2.35 1.00
CA THR C 315 -6.25 -2.11 2.44
C THR C 315 -7.49 -1.54 3.10
N GLN C 316 -7.73 -1.97 4.33
CA GLN C 316 -8.89 -1.52 5.07
C GLN C 316 -8.82 -0.06 5.52
N THR C 317 -7.65 0.55 5.36
CA THR C 317 -7.48 1.92 5.81
C THR C 317 -7.43 2.98 4.71
N GLY C 318 -7.27 2.58 3.45
CA GLY C 318 -7.20 3.55 2.37
C GLY C 318 -5.79 3.63 1.82
N ARG C 319 -4.91 2.85 2.42
CA ARG C 319 -3.53 2.82 1.99
C ARG C 319 -3.48 1.99 0.72
N LEU C 320 -2.40 2.17 -0.04
CA LEU C 320 -2.17 1.40 -1.24
C LEU C 320 -1.34 0.22 -0.74
N SER C 321 -1.13 -0.76 -1.62
CA SER C 321 -0.27 -1.88 -1.33
C SER C 321 0.50 -2.04 -2.64
N SER C 322 1.65 -2.71 -2.59
CA SER C 322 2.51 -2.85 -3.74
C SER C 322 2.96 -4.29 -3.92
N THR C 323 2.92 -4.79 -5.15
CA THR C 323 3.32 -6.18 -5.39
C THR C 323 4.11 -6.38 -6.67
N GLU C 324 4.85 -7.48 -6.71
CA GLU C 324 5.61 -7.91 -7.88
C GLU C 324 6.48 -6.93 -8.62
N PRO C 325 7.43 -6.32 -7.92
CA PRO C 325 7.78 -6.46 -6.51
C PRO C 325 7.07 -5.46 -5.59
N ASN C 326 7.12 -5.72 -4.28
CA ASN C 326 6.56 -4.80 -3.31
C ASN C 326 7.68 -3.78 -3.17
N LEU C 327 7.43 -2.56 -3.58
CA LEU C 327 8.43 -1.53 -3.51
C LEU C 327 8.18 -0.63 -2.29
N GLN C 328 7.29 -1.08 -1.40
CA GLN C 328 6.98 -0.33 -0.19
C GLN C 328 7.61 -0.95 1.05
N ASN C 329 8.50 -1.92 0.85
CA ASN C 329 9.20 -2.53 1.98
C ASN C 329 10.68 -2.81 1.71
N ILE C 330 11.32 -1.92 0.95
CA ILE C 330 12.76 -2.05 0.64
C ILE C 330 13.50 -1.65 1.90
N PRO C 331 14.51 -2.42 2.32
CA PRO C 331 15.23 -2.09 3.55
C PRO C 331 15.79 -0.69 3.64
N ILE C 332 15.91 -0.20 4.87
CA ILE C 332 16.45 1.14 5.13
C ILE C 332 16.95 1.29 6.57
N ARG C 333 16.27 0.65 7.50
CA ARG C 333 16.63 0.78 8.91
C ARG C 333 18.03 0.30 9.29
N LEU C 334 18.49 -0.79 8.71
CA LEU C 334 19.82 -1.32 9.01
C LEU C 334 20.72 -0.99 7.82
N GLU C 335 21.92 -0.50 8.08
CA GLU C 335 22.79 -0.12 6.97
C GLU C 335 23.02 -1.18 5.91
N GLU C 336 23.18 -2.43 6.31
CA GLU C 336 23.43 -3.45 5.32
C GLU C 336 22.30 -3.68 4.33
N GLY C 337 21.06 -3.61 4.80
CA GLY C 337 19.93 -3.80 3.92
C GLY C 337 19.70 -2.56 3.09
N ARG C 338 19.95 -1.41 3.72
CA ARG C 338 19.77 -0.12 3.08
C ARG C 338 20.60 -0.03 1.81
N LYS C 339 21.68 -0.78 1.74
CA LYS C 339 22.51 -0.75 0.56
C LYS C 339 21.76 -1.24 -0.66
N ILE C 340 20.73 -2.06 -0.43
CA ILE C 340 19.92 -2.58 -1.53
C ILE C 340 19.43 -1.43 -2.40
N ARG C 341 19.12 -0.29 -1.77
CA ARG C 341 18.61 0.88 -2.47
C ARG C 341 19.55 1.50 -3.49
N GLN C 342 20.81 1.10 -3.43
CA GLN C 342 21.81 1.58 -4.36
C GLN C 342 21.52 1.05 -5.76
N ALA C 343 20.78 -0.06 -5.83
CA ALA C 343 20.43 -0.68 -7.10
C ALA C 343 19.25 -0.04 -7.84
N PHE C 344 18.56 0.91 -7.19
CA PHE C 344 17.44 1.61 -7.77
C PHE C 344 17.99 2.96 -8.23
N VAL C 345 18.04 3.12 -9.54
CA VAL C 345 18.64 4.27 -10.18
C VAL C 345 17.72 4.99 -11.17
N PRO C 346 18.08 6.21 -11.60
CA PRO C 346 17.24 6.94 -12.54
C PRO C 346 17.19 6.21 -13.88
N SER C 347 16.10 6.37 -14.60
CA SER C 347 15.90 5.70 -15.87
C SER C 347 16.53 6.40 -17.06
N GLU C 348 17.10 7.58 -16.86
CA GLU C 348 17.71 8.31 -17.95
C GLU C 348 19.02 8.88 -17.52
N SER C 349 19.87 9.19 -18.48
CA SER C 349 21.15 9.74 -18.19
C SER C 349 21.00 11.12 -17.59
N ASP C 350 21.84 11.44 -16.62
CA ASP C 350 21.84 12.74 -15.96
C ASP C 350 20.57 13.09 -15.22
N TRP C 351 19.85 12.07 -14.78
CA TRP C 351 18.62 12.25 -14.01
C TRP C 351 18.97 11.84 -12.60
N LEU C 352 18.16 12.22 -11.62
CA LEU C 352 18.46 11.85 -10.23
C LEU C 352 17.19 11.40 -9.52
N ILE C 353 17.34 10.72 -8.38
CA ILE C 353 16.19 10.29 -7.58
C ILE C 353 15.91 11.37 -6.53
N PHE C 354 14.64 11.77 -6.38
CA PHE C 354 14.24 12.80 -5.43
C PHE C 354 13.14 12.20 -4.55
N ALA C 355 13.37 12.20 -3.24
CA ALA C 355 12.41 11.64 -2.29
C ALA C 355 11.93 12.67 -1.27
N ALA C 356 10.61 12.79 -1.11
CA ALA C 356 10.03 13.74 -0.17
C ALA C 356 9.13 12.98 0.79
N ASP C 357 9.25 13.26 2.07
CA ASP C 357 8.43 12.55 3.05
C ASP C 357 7.87 13.48 4.11
N TYR C 358 6.68 13.15 4.60
CA TYR C 358 6.06 13.93 5.65
C TYR C 358 6.76 13.59 6.97
N SER C 359 6.95 14.59 7.81
CA SER C 359 7.56 14.35 9.11
C SER C 359 6.40 14.15 10.08
N GLN C 360 6.31 12.95 10.66
CA GLN C 360 5.25 12.62 11.62
C GLN C 360 3.85 13.01 11.20
N ILE C 361 3.42 12.67 9.99
CA ILE C 361 2.08 13.04 9.58
C ILE C 361 0.99 12.40 10.47
N GLU C 362 1.19 11.17 10.90
CA GLU C 362 0.19 10.52 11.73
C GLU C 362 -0.04 11.23 13.05
N LEU C 363 1.02 11.60 13.74
CA LEU C 363 0.84 12.28 15.00
C LEU C 363 0.28 13.68 14.79
N ARG C 364 0.59 14.30 13.65
CA ARG C 364 0.09 15.64 13.34
C ARG C 364 -1.39 15.49 13.03
N VAL C 365 -1.76 14.42 12.36
CA VAL C 365 -3.16 14.18 12.06
C VAL C 365 -3.91 13.95 13.38
N LEU C 366 -3.28 13.21 14.30
CA LEU C 366 -3.89 12.95 15.60
C LEU C 366 -4.11 14.25 16.34
N ALA C 367 -3.09 15.11 16.35
CA ALA C 367 -3.21 16.37 17.04
C ALA C 367 -4.41 17.14 16.48
N HIS C 368 -4.53 17.14 15.16
CA HIS C 368 -5.63 17.82 14.50
C HIS C 368 -7.03 17.27 14.82
N ILE C 369 -7.22 15.97 14.67
CA ILE C 369 -8.53 15.37 14.93
C ILE C 369 -8.88 15.33 16.41
N ALA C 370 -7.89 15.14 17.27
CA ALA C 370 -8.14 15.12 18.72
C ALA C 370 -8.24 16.55 19.27
N GLU C 371 -7.65 17.49 18.53
CA GLU C 371 -7.64 18.88 18.95
C GLU C 371 -7.07 19.00 20.36
N ASP C 372 -5.99 18.27 20.63
CA ASP C 372 -5.34 18.30 21.93
C ASP C 372 -4.44 19.51 21.96
N ASP C 373 -4.67 20.42 22.90
CA ASP C 373 -3.86 21.64 22.98
C ASP C 373 -2.37 21.43 23.10
N ASN C 374 -1.97 20.51 23.97
CA ASN C 374 -0.56 20.23 24.20
C ASN C 374 0.09 19.68 22.95
N LEU C 375 -0.55 18.70 22.33
CA LEU C 375 0.01 18.11 21.12
C LEU C 375 0.06 19.12 19.98
N MET C 376 -0.98 19.94 19.83
CA MET C 376 -0.97 20.92 18.76
C MET C 376 0.16 21.93 18.96
N GLU C 377 0.34 22.39 20.19
CA GLU C 377 1.40 23.35 20.48
C GLU C 377 2.77 22.74 20.20
N ALA C 378 2.93 21.46 20.50
CA ALA C 378 4.21 20.80 20.26
C ALA C 378 4.57 20.89 18.78
N PHE C 379 3.62 20.62 17.89
CA PHE C 379 3.91 20.67 16.47
C PHE C 379 4.01 22.10 15.94
N ARG C 380 3.33 23.04 16.60
CA ARG C 380 3.41 24.45 16.20
C ARG C 380 4.85 24.96 16.45
N ARG C 381 5.50 24.37 17.45
CA ARG C 381 6.88 24.68 17.80
C ARG C 381 7.81 23.72 17.04
N ASP C 382 7.24 22.84 16.23
CA ASP C 382 8.05 21.86 15.50
C ASP C 382 8.99 21.13 16.43
N LEU C 383 8.50 20.74 17.60
CA LEU C 383 9.32 20.05 18.59
C LEU C 383 9.60 18.61 18.17
N ASP C 384 10.62 18.00 18.77
CA ASP C 384 10.90 16.59 18.50
C ASP C 384 9.79 15.96 19.36
N ILE C 385 8.78 15.34 18.76
CA ILE C 385 7.66 14.83 19.56
C ILE C 385 8.01 13.75 20.54
N HIS C 386 8.96 12.90 20.22
CA HIS C 386 9.29 11.84 21.14
C HIS C 386 9.96 12.40 22.38
N THR C 387 10.76 13.44 22.18
CA THR C 387 11.42 14.07 23.31
C THR C 387 10.39 14.82 24.13
N LYS C 388 9.48 15.52 23.46
CA LYS C 388 8.44 16.25 24.16
C LYS C 388 7.53 15.33 24.98
N THR C 389 7.17 14.18 24.42
CA THR C 389 6.33 13.20 25.11
C THR C 389 7.06 12.64 26.36
N ALA C 390 8.36 12.37 26.24
CA ALA C 390 9.12 11.84 27.37
C ALA C 390 9.10 12.89 28.47
N MET C 391 9.30 14.14 28.09
CA MET C 391 9.29 15.25 29.05
C MET C 391 7.99 15.29 29.81
N ASP C 392 6.90 15.09 29.10
CA ASP C 392 5.60 15.15 29.71
C ASP C 392 5.25 13.94 30.58
N ILE C 393 5.41 12.73 30.06
CA ILE C 393 5.07 11.58 30.88
C ILE C 393 6.06 11.27 31.98
N PHE C 394 7.33 11.65 31.81
CA PHE C 394 8.29 11.37 32.87
C PHE C 394 8.55 12.58 33.73
N GLN C 395 7.86 13.67 33.42
CA GLN C 395 8.02 14.90 34.18
C GLN C 395 9.43 15.41 34.35
N VAL C 396 10.08 15.72 33.26
CA VAL C 396 11.43 16.23 33.36
C VAL C 396 11.55 17.29 32.29
N SER C 397 12.63 18.05 32.35
CA SER C 397 12.90 19.10 31.39
C SER C 397 13.60 18.48 30.19
N GLU C 398 13.64 19.20 29.09
CA GLU C 398 14.30 18.67 27.91
C GLU C 398 15.70 18.16 28.24
N ASP C 399 16.42 18.89 29.07
CA ASP C 399 17.77 18.51 29.46
C ASP C 399 17.85 17.22 30.24
N GLU C 400 16.82 16.89 30.98
CA GLU C 400 16.85 15.66 31.75
C GLU C 400 16.36 14.46 30.97
N VAL C 401 15.88 14.65 29.74
CA VAL C 401 15.42 13.50 28.99
C VAL C 401 16.63 12.70 28.53
N THR C 402 16.71 11.45 28.94
CA THR C 402 17.83 10.62 28.55
C THR C 402 17.45 9.79 27.35
N PRO C 403 18.45 9.22 26.69
CA PRO C 403 18.15 8.40 25.52
C PRO C 403 17.14 7.30 25.82
N ASN C 404 17.23 6.65 26.98
CA ASN C 404 16.28 5.60 27.29
C ASN C 404 14.87 6.14 27.45
N MET C 405 14.73 7.34 28.00
CA MET C 405 13.41 7.92 28.16
C MET C 405 12.79 8.23 26.80
N ARG C 406 13.58 8.79 25.89
CA ARG C 406 13.04 9.11 24.56
C ARG C 406 12.60 7.85 23.85
N ARG C 407 13.39 6.80 23.94
CA ARG C 407 13.05 5.53 23.29
C ARG C 407 11.73 4.96 23.81
N GLN C 408 11.52 5.02 25.11
CA GLN C 408 10.30 4.52 25.66
C GLN C 408 9.12 5.40 25.32
N ALA C 409 9.31 6.72 25.34
CA ALA C 409 8.23 7.65 25.02
C ALA C 409 7.86 7.44 23.56
N LYS C 410 8.86 7.12 22.74
CA LYS C 410 8.62 6.84 21.34
C LYS C 410 7.69 5.64 21.19
N ALA C 411 7.96 4.56 21.92
CA ALA C 411 7.13 3.36 21.85
C ALA C 411 5.70 3.69 22.28
N VAL C 412 5.57 4.56 23.27
CA VAL C 412 4.25 4.94 23.74
C VAL C 412 3.55 5.64 22.58
N ASN C 413 4.26 6.49 21.87
CA ASN C 413 3.66 7.20 20.75
C ASN C 413 3.14 6.23 19.68
N PHE C 414 3.91 5.20 19.37
CA PHE C 414 3.45 4.23 18.37
C PHE C 414 2.20 3.52 18.86
N GLY C 415 2.19 3.15 20.14
CA GLY C 415 1.04 2.47 20.68
C GLY C 415 -0.18 3.37 20.66
N ILE C 416 0.02 4.66 20.89
CA ILE C 416 -1.10 5.59 20.87
C ILE C 416 -1.70 5.63 19.46
N VAL C 417 -0.87 5.75 18.44
CA VAL C 417 -1.37 5.79 17.08
C VAL C 417 -1.96 4.46 16.59
N TYR C 418 -1.39 3.33 17.02
CA TYR C 418 -1.89 2.02 16.61
C TYR C 418 -3.20 1.62 17.33
N GLY C 419 -3.47 2.24 18.46
CA GLY C 419 -4.63 1.88 19.25
C GLY C 419 -4.00 1.29 20.51
N ILE C 420 -3.88 2.12 21.53
CA ILE C 420 -3.21 1.72 22.77
C ILE C 420 -3.70 0.44 23.47
N SER C 421 -2.75 -0.33 23.97
CA SER C 421 -2.98 -1.58 24.68
C SER C 421 -1.85 -1.67 25.71
N ASP C 422 -2.17 -1.93 26.97
CA ASP C 422 -1.11 -2.02 27.95
C ASP C 422 -0.27 -3.25 27.66
N TYR C 423 -0.93 -4.34 27.29
CA TYR C 423 -0.21 -5.57 26.95
C TYR C 423 0.65 -5.35 25.73
N GLY C 424 0.10 -4.63 24.75
CA GLY C 424 0.84 -4.38 23.53
C GLY C 424 2.08 -3.55 23.81
N LEU C 425 1.91 -2.54 24.66
CA LEU C 425 3.03 -1.66 25.01
C LEU C 425 4.04 -2.42 25.86
N ALA C 426 3.55 -3.24 26.78
CA ALA C 426 4.42 -4.02 27.65
C ALA C 426 5.33 -4.94 26.82
N GLN C 427 4.74 -5.59 25.84
CA GLN C 427 5.44 -6.51 24.95
C GLN C 427 6.52 -5.79 24.15
N ASN C 428 6.16 -4.63 23.61
CA ASN C 428 7.11 -3.88 22.83
C ASN C 428 8.30 -3.42 23.66
N LEU C 429 8.04 -2.85 24.83
CA LEU C 429 9.09 -2.31 25.70
C LEU C 429 9.75 -3.35 26.59
N ASN C 430 9.19 -4.56 26.57
CA ASN C 430 9.71 -5.65 27.38
C ASN C 430 9.61 -5.26 28.86
N ILE C 431 8.42 -4.81 29.28
CA ILE C 431 8.17 -4.42 30.67
C ILE C 431 6.87 -5.06 31.12
N SER C 432 6.48 -4.87 32.37
CA SER C 432 5.25 -5.50 32.81
C SER C 432 4.07 -4.69 32.33
N ARG C 433 2.90 -5.31 32.36
CA ARG C 433 1.69 -4.64 31.93
C ARG C 433 1.36 -3.46 32.86
N LYS C 434 1.55 -3.67 34.16
CA LYS C 434 1.28 -2.62 35.13
C LYS C 434 2.15 -1.42 34.85
N GLU C 435 3.41 -1.65 34.52
CA GLU C 435 4.33 -0.56 34.22
C GLU C 435 3.92 0.14 32.92
N ALA C 436 3.49 -0.64 31.93
CA ALA C 436 3.07 -0.07 30.66
C ALA C 436 1.80 0.74 30.86
N ALA C 437 0.89 0.22 31.68
CA ALA C 437 -0.36 0.90 31.95
C ALA C 437 -0.10 2.24 32.63
N GLU C 438 0.96 2.28 33.45
CA GLU C 438 1.31 3.51 34.16
C GLU C 438 1.78 4.53 33.12
N PHE C 439 2.57 4.08 32.16
CA PHE C 439 3.08 4.96 31.10
C PHE C 439 1.90 5.57 30.34
N ILE C 440 0.95 4.73 29.97
CA ILE C 440 -0.23 5.17 29.24
C ILE C 440 -1.07 6.15 30.02
N GLU C 441 -1.29 5.87 31.30
CA GLU C 441 -2.07 6.76 32.12
C GLU C 441 -1.36 8.10 32.24
N ARG C 442 -0.04 8.07 32.32
CA ARG C 442 0.73 9.31 32.38
C ARG C 442 0.55 10.06 31.05
N TYR C 443 0.55 9.33 29.94
CA TYR C 443 0.38 9.95 28.63
C TYR C 443 -0.97 10.66 28.56
N PHE C 444 -2.03 9.97 28.95
CA PHE C 444 -3.36 10.54 28.90
C PHE C 444 -3.55 11.74 29.80
N GLU C 445 -2.71 11.83 30.83
CA GLU C 445 -2.77 12.95 31.73
C GLU C 445 -2.15 14.16 31.05
N SER C 446 -1.12 13.93 30.25
CA SER C 446 -0.45 15.02 29.54
C SER C 446 -1.13 15.41 28.24
N PHE C 447 -1.92 14.51 27.69
CA PHE C 447 -2.65 14.75 26.44
C PHE C 447 -4.13 14.40 26.62
N PRO C 448 -4.81 15.17 27.46
CA PRO C 448 -6.23 14.98 27.77
C PRO C 448 -7.13 14.99 26.53
N GLY C 449 -6.73 15.76 25.51
CA GLY C 449 -7.52 15.80 24.28
C GLY C 449 -7.45 14.49 23.53
N VAL C 450 -6.28 13.87 23.53
CA VAL C 450 -6.11 12.58 22.86
C VAL C 450 -6.90 11.48 23.60
N LYS C 451 -6.97 11.58 24.92
CA LYS C 451 -7.69 10.61 25.72
C LYS C 451 -9.17 10.67 25.36
N ARG C 452 -9.70 11.89 25.33
CA ARG C 452 -11.10 12.14 25.01
C ARG C 452 -11.45 11.66 23.60
N TYR C 453 -10.51 11.83 22.66
CA TYR C 453 -10.72 11.38 21.29
C TYR C 453 -10.80 9.85 21.24
N MET C 454 -9.86 9.18 21.89
CA MET C 454 -9.84 7.72 21.89
C MET C 454 -11.09 7.18 22.53
N GLU C 455 -11.56 7.85 23.57
CA GLU C 455 -12.78 7.40 24.21
C GLU C 455 -13.96 7.64 23.26
N ASN C 456 -14.06 8.86 22.73
CA ASN C 456 -15.14 9.27 21.84
C ASN C 456 -15.21 8.53 20.51
N ILE C 457 -14.05 8.23 19.91
CA ILE C 457 -14.07 7.56 18.61
C ILE C 457 -14.60 6.15 18.76
N VAL C 458 -14.27 5.50 19.88
CA VAL C 458 -14.73 4.14 20.11
C VAL C 458 -16.23 4.16 20.30
N GLN C 459 -16.72 5.17 21.00
CA GLN C 459 -18.15 5.27 21.21
C GLN C 459 -18.84 5.53 19.87
N GLU C 460 -18.22 6.37 19.04
CA GLU C 460 -18.79 6.69 17.72
C GLU C 460 -18.88 5.47 16.81
N ALA C 461 -17.84 4.65 16.80
CA ALA C 461 -17.83 3.43 16.00
C ALA C 461 -18.98 2.54 16.48
N LYS C 462 -19.22 2.50 17.78
CA LYS C 462 -20.30 1.70 18.36
C LYS C 462 -21.65 2.27 17.89
N GLN C 463 -21.79 3.60 18.02
CA GLN C 463 -23.02 4.29 17.63
C GLN C 463 -23.36 4.18 16.16
N LYS C 464 -22.45 4.68 15.31
CA LYS C 464 -22.65 4.69 13.86
C LYS C 464 -22.42 3.35 13.19
N GLY C 465 -21.48 2.58 13.70
CA GLY C 465 -21.16 1.28 13.13
C GLY C 465 -19.90 1.30 12.29
N TYR C 466 -19.28 2.47 12.19
CA TYR C 466 -18.06 2.65 11.40
C TYR C 466 -17.32 3.90 11.82
N VAL C 467 -16.12 4.07 11.30
CA VAL C 467 -15.34 5.24 11.57
C VAL C 467 -15.00 5.80 10.19
N THR C 468 -14.63 7.07 10.13
CA THR C 468 -14.33 7.70 8.85
C THR C 468 -13.05 8.53 8.90
N THR C 469 -12.56 8.93 7.73
CA THR C 469 -11.36 9.72 7.63
C THR C 469 -11.64 11.15 7.20
N LEU C 470 -10.60 11.97 7.21
CA LEU C 470 -10.67 13.37 6.80
C LEU C 470 -11.48 13.57 5.52
N LEU C 471 -11.21 12.75 4.53
CA LEU C 471 -11.87 12.84 3.24
C LEU C 471 -13.06 11.91 3.07
N HIS C 472 -13.59 11.42 4.20
CA HIS C 472 -14.78 10.58 4.24
C HIS C 472 -14.67 9.12 3.86
N ARG C 473 -13.49 8.55 4.03
CA ARG C 473 -13.29 7.16 3.77
C ARG C 473 -13.98 6.52 4.97
N ARG C 474 -14.50 5.31 4.84
CA ARG C 474 -15.10 4.70 6.00
C ARG C 474 -14.68 3.24 6.16
N ARG C 475 -14.82 2.74 7.38
CA ARG C 475 -14.49 1.36 7.70
C ARG C 475 -15.49 0.92 8.74
N TYR C 476 -16.27 -0.10 8.41
CA TYR C 476 -17.25 -0.61 9.33
C TYR C 476 -16.57 -1.42 10.39
N LEU C 477 -17.02 -1.32 11.63
CA LEU C 477 -16.38 -2.11 12.67
C LEU C 477 -17.40 -2.92 13.46
N PRO C 478 -17.96 -3.98 12.84
CA PRO C 478 -18.96 -4.84 13.48
C PRO C 478 -18.52 -5.45 14.80
N ASP C 479 -17.24 -5.78 14.92
CA ASP C 479 -16.74 -6.41 16.14
C ASP C 479 -16.67 -5.50 17.34
N ILE C 480 -16.89 -4.21 17.13
CA ILE C 480 -16.83 -3.26 18.23
C ILE C 480 -17.92 -3.53 19.28
N THR C 481 -18.91 -4.35 18.95
CA THR C 481 -19.97 -4.67 19.92
C THR C 481 -19.85 -6.12 20.39
N SER C 482 -18.73 -6.75 20.06
CA SER C 482 -18.54 -8.15 20.44
C SER C 482 -18.45 -8.31 21.95
N ARG C 483 -18.97 -9.42 22.47
CA ARG C 483 -18.91 -9.69 23.90
C ARG C 483 -17.67 -10.50 24.24
N ASN C 484 -16.77 -10.65 23.25
CA ASN C 484 -15.49 -11.34 23.43
C ASN C 484 -14.49 -10.19 23.55
N PHE C 485 -13.78 -10.14 24.67
CA PHE C 485 -12.83 -9.07 24.92
C PHE C 485 -11.76 -8.89 23.83
N ASN C 486 -11.12 -9.99 23.44
CA ASN C 486 -10.06 -9.91 22.43
C ASN C 486 -10.59 -9.43 21.09
N VAL C 487 -11.75 -9.92 20.70
CA VAL C 487 -12.32 -9.52 19.44
C VAL C 487 -12.76 -8.06 19.48
N ARG C 488 -13.39 -7.66 20.58
CA ARG C 488 -13.84 -6.29 20.71
C ARG C 488 -12.66 -5.34 20.79
N SER C 489 -11.65 -5.70 21.58
CA SER C 489 -10.45 -4.89 21.78
C SER C 489 -9.77 -4.57 20.46
N PHE C 490 -9.69 -5.55 19.58
CA PHE C 490 -9.06 -5.34 18.29
C PHE C 490 -9.85 -4.29 17.50
N ALA C 491 -11.18 -4.40 17.50
CA ALA C 491 -12.01 -3.45 16.79
C ALA C 491 -11.87 -2.05 17.41
N GLU C 492 -11.66 -1.98 18.72
CA GLU C 492 -11.50 -0.69 19.35
C GLU C 492 -10.19 -0.06 18.89
N ARG C 493 -9.16 -0.87 18.73
CA ARG C 493 -7.87 -0.34 18.26
C ARG C 493 -8.01 0.18 16.84
N MET C 494 -8.82 -0.51 16.03
CA MET C 494 -9.05 -0.13 14.63
C MET C 494 -9.80 1.22 14.58
N ALA C 495 -10.74 1.40 15.50
CA ALA C 495 -11.51 2.64 15.56
C ALA C 495 -10.58 3.79 15.87
N MET C 496 -9.61 3.55 16.75
CA MET C 496 -8.65 4.58 17.12
C MET C 496 -7.62 4.85 16.00
N ASN C 497 -7.11 3.78 15.40
CA ASN C 497 -6.08 3.89 14.37
C ASN C 497 -6.55 4.24 12.96
N THR C 498 -7.66 3.67 12.51
CA THR C 498 -8.09 3.91 11.15
C THR C 498 -8.25 5.37 10.76
N PRO C 499 -8.90 6.16 11.59
CA PRO C 499 -9.02 7.57 11.19
C PRO C 499 -7.66 8.27 11.05
N ILE C 500 -6.65 7.81 11.78
CA ILE C 500 -5.32 8.40 11.71
C ILE C 500 -4.55 7.94 10.47
N GLN C 501 -4.36 6.62 10.33
CA GLN C 501 -3.66 6.05 9.18
C GLN C 501 -4.42 6.38 7.89
N GLY C 502 -5.74 6.29 7.96
CA GLY C 502 -6.56 6.57 6.80
C GLY C 502 -6.55 8.02 6.36
N SER C 503 -6.53 8.95 7.30
CA SER C 503 -6.51 10.35 6.94
C SER C 503 -5.15 10.68 6.35
N ALA C 504 -4.09 10.08 6.87
CA ALA C 504 -2.76 10.35 6.34
C ALA C 504 -2.69 9.81 4.92
N ALA C 505 -3.43 8.74 4.65
CA ALA C 505 -3.48 8.16 3.32
C ALA C 505 -4.23 9.12 2.40
N ASP C 506 -5.34 9.67 2.90
CA ASP C 506 -6.17 10.63 2.17
C ASP C 506 -5.31 11.83 1.76
N ILE C 507 -4.53 12.35 2.70
CA ILE C 507 -3.68 13.51 2.47
C ILE C 507 -2.60 13.31 1.39
N ILE C 508 -1.84 12.23 1.46
CA ILE C 508 -0.78 12.02 0.47
C ILE C 508 -1.36 11.70 -0.90
N LYS C 509 -2.56 11.12 -0.96
CA LYS C 509 -3.17 10.85 -2.27
C LYS C 509 -3.54 12.15 -2.94
N LYS C 510 -4.11 13.10 -2.20
CA LYS C 510 -4.48 14.37 -2.77
C LYS C 510 -3.20 15.10 -3.19
N ALA C 511 -2.15 14.94 -2.39
CA ALA C 511 -0.89 15.57 -2.69
C ALA C 511 -0.38 15.06 -4.05
N MET C 512 -0.57 13.78 -4.33
CA MET C 512 -0.09 13.23 -5.60
C MET C 512 -0.84 13.85 -6.76
N ILE C 513 -2.15 14.01 -6.60
CA ILE C 513 -2.97 14.63 -7.65
C ILE C 513 -2.53 16.08 -7.81
N ASP C 514 -2.44 16.81 -6.70
CA ASP C 514 -2.00 18.20 -6.77
C ASP C 514 -0.62 18.30 -7.40
N LEU C 515 0.30 17.42 -6.98
CA LEU C 515 1.65 17.45 -7.53
C LEU C 515 1.71 17.25 -9.03
N ASN C 516 0.96 16.29 -9.54
CA ASN C 516 0.97 16.05 -10.98
C ASN C 516 0.41 17.20 -11.78
N ALA C 517 -0.57 17.90 -11.23
CA ALA C 517 -1.16 19.05 -11.89
C ALA C 517 -0.08 20.16 -11.98
N ARG C 518 0.70 20.34 -10.92
CA ARG C 518 1.75 21.34 -10.90
C ARG C 518 2.91 21.00 -11.82
N LEU C 519 3.26 19.72 -11.91
CA LEU C 519 4.36 19.30 -12.78
C LEU C 519 3.94 19.53 -14.23
N LYS C 520 2.66 19.35 -14.53
CA LYS C 520 2.18 19.57 -15.90
C LYS C 520 2.15 21.05 -16.23
N GLU C 521 1.70 21.87 -15.29
CA GLU C 521 1.64 23.30 -15.50
C GLU C 521 3.04 23.85 -15.79
N GLU C 522 4.03 23.34 -15.09
CA GLU C 522 5.41 23.79 -15.25
C GLU C 522 6.13 23.06 -16.36
N ARG C 523 5.47 22.08 -16.98
CA ARG C 523 6.04 21.27 -18.05
C ARG C 523 7.38 20.67 -17.60
N LEU C 524 7.44 20.19 -16.37
CA LEU C 524 8.66 19.60 -15.86
C LEU C 524 8.72 18.15 -16.33
N GLN C 525 9.93 17.63 -16.52
CA GLN C 525 10.13 16.26 -16.96
C GLN C 525 10.06 15.28 -15.81
N ALA C 526 10.12 15.82 -14.59
CA ALA C 526 10.04 15.04 -13.37
C ALA C 526 8.73 14.28 -13.29
N HIS C 527 8.77 13.06 -12.80
CA HIS C 527 7.55 12.29 -12.63
C HIS C 527 7.67 11.34 -11.46
N LEU C 528 6.51 11.03 -10.89
CA LEU C 528 6.40 10.15 -9.76
C LEU C 528 6.83 8.76 -10.15
N LEU C 529 7.48 8.07 -9.21
CA LEU C 529 7.90 6.70 -9.45
C LEU C 529 7.23 5.85 -8.39
N LEU C 530 7.27 6.30 -7.14
CA LEU C 530 6.66 5.51 -6.08
C LEU C 530 6.05 6.34 -4.99
N GLN C 531 5.23 5.66 -4.20
CA GLN C 531 4.61 6.23 -3.03
C GLN C 531 4.80 5.16 -1.96
N VAL C 532 5.35 5.55 -0.81
CA VAL C 532 5.54 4.62 0.29
C VAL C 532 4.86 5.17 1.54
N HIS C 533 3.54 5.24 1.46
CA HIS C 533 2.65 5.66 2.55
C HIS C 533 2.73 7.10 3.02
N ASP C 534 3.92 7.58 3.36
CA ASP C 534 4.06 8.96 3.78
C ASP C 534 5.17 9.66 3.03
N GLU C 535 5.60 9.04 1.94
CA GLU C 535 6.63 9.65 1.11
C GLU C 535 6.39 9.43 -0.38
N LEU C 536 6.94 10.36 -1.16
CA LEU C 536 6.83 10.34 -2.59
C LEU C 536 8.23 10.36 -3.20
N ILE C 537 8.47 9.45 -4.13
CA ILE C 537 9.76 9.34 -4.78
C ILE C 537 9.59 9.58 -6.27
N LEU C 538 10.34 10.54 -6.80
CA LEU C 538 10.29 10.84 -8.24
C LEU C 538 11.68 10.75 -8.82
N GLU C 539 11.78 10.89 -10.14
CA GLU C 539 13.07 10.95 -10.81
C GLU C 539 12.92 12.15 -11.74
N ALA C 540 14.02 12.85 -12.01
CA ALA C 540 13.95 14.02 -12.88
C ALA C 540 15.33 14.45 -13.29
N PRO C 541 15.40 15.26 -14.35
CA PRO C 541 16.68 15.76 -14.84
C PRO C 541 17.40 16.45 -13.68
N LYS C 542 18.72 16.35 -13.66
CA LYS C 542 19.47 16.98 -12.58
C LYS C 542 19.14 18.46 -12.59
N GLU C 543 18.84 18.98 -13.78
CA GLU C 543 18.51 20.39 -13.94
C GLU C 543 17.19 20.85 -13.32
N GLU C 544 16.37 19.92 -12.85
CA GLU C 544 15.09 20.26 -12.23
C GLU C 544 15.09 20.16 -10.72
N MET C 545 16.17 19.66 -10.12
CA MET C 545 16.23 19.48 -8.68
C MET C 545 15.90 20.75 -7.88
N GLU C 546 16.52 21.86 -8.25
CA GLU C 546 16.27 23.06 -7.49
C GLU C 546 14.80 23.44 -7.50
N ARG C 547 14.16 23.34 -8.65
CA ARG C 547 12.75 23.68 -8.73
C ARG C 547 11.97 22.67 -7.90
N LEU C 548 12.36 21.41 -7.95
CA LEU C 548 11.66 20.36 -7.20
C LEU C 548 11.81 20.53 -5.69
N CYS C 549 12.99 20.98 -5.25
CA CYS C 549 13.25 21.18 -3.82
C CYS C 549 12.23 22.17 -3.23
N ARG C 550 11.74 23.06 -4.07
CA ARG C 550 10.75 24.04 -3.63
C ARG C 550 9.34 23.55 -3.87
N LEU C 551 9.09 22.99 -5.04
CA LEU C 551 7.75 22.53 -5.40
C LEU C 551 7.15 21.33 -4.70
N VAL C 552 7.89 20.24 -4.64
CA VAL C 552 7.35 19.04 -4.01
C VAL C 552 6.93 19.20 -2.56
N PRO C 553 7.80 19.74 -1.69
CA PRO C 553 7.40 19.91 -0.27
C PRO C 553 6.21 20.84 -0.13
N GLU C 554 6.21 21.92 -0.91
CA GLU C 554 5.12 22.87 -0.87
C GLU C 554 3.80 22.21 -1.20
N VAL C 555 3.76 21.51 -2.32
CA VAL C 555 2.53 20.85 -2.73
C VAL C 555 2.06 19.86 -1.65
N MET C 556 2.99 19.07 -1.14
CA MET C 556 2.65 18.10 -0.12
C MET C 556 2.16 18.78 1.18
N GLU C 557 2.86 19.81 1.61
CA GLU C 557 2.46 20.52 2.82
C GLU C 557 1.09 21.18 2.71
N GLN C 558 0.75 21.66 1.52
CA GLN C 558 -0.50 22.36 1.31
C GLN C 558 -1.66 21.53 0.81
N ALA C 559 -1.47 20.23 0.68
CA ALA C 559 -2.52 19.33 0.19
C ALA C 559 -3.79 19.46 0.99
N VAL C 560 -3.65 19.56 2.30
CA VAL C 560 -4.79 19.72 3.18
C VAL C 560 -4.38 20.73 4.23
N THR C 561 -5.35 21.48 4.77
CA THR C 561 -5.07 22.46 5.83
C THR C 561 -5.58 21.94 7.16
N LEU C 562 -4.67 21.66 8.08
CA LEU C 562 -5.02 21.14 9.41
C LEU C 562 -4.80 22.20 10.49
N ARG C 563 -5.12 21.86 11.73
CA ARG C 563 -4.95 22.78 12.84
C ARG C 563 -3.49 22.94 13.21
N VAL C 564 -2.65 22.02 12.72
CA VAL C 564 -1.21 22.13 12.95
C VAL C 564 -0.61 22.12 11.57
N PRO C 565 0.64 22.58 11.44
CA PRO C 565 1.27 22.59 10.11
C PRO C 565 1.70 21.20 9.67
N LEU C 566 1.88 21.04 8.36
CA LEU C 566 2.38 19.80 7.80
C LEU C 566 3.81 20.20 7.44
N LYS C 567 4.75 19.29 7.60
CA LYS C 567 6.14 19.59 7.30
C LYS C 567 6.71 18.45 6.47
N VAL C 568 7.36 18.77 5.37
CA VAL C 568 7.91 17.72 4.51
C VAL C 568 9.40 17.85 4.32
N ASP C 569 10.11 16.75 4.47
CA ASP C 569 11.55 16.77 4.29
C ASP C 569 11.80 16.16 2.94
N TYR C 570 13.01 16.34 2.41
CA TYR C 570 13.34 15.80 1.10
C TYR C 570 14.84 15.68 0.88
N HIS C 571 15.21 14.82 -0.06
CA HIS C 571 16.62 14.60 -0.41
C HIS C 571 16.68 14.07 -1.82
N TYR C 572 17.85 14.12 -2.42
CA TYR C 572 17.97 13.59 -3.75
C TYR C 572 19.40 13.14 -3.95
N GLY C 573 19.61 12.29 -4.94
CA GLY C 573 20.95 11.79 -5.15
C GLY C 573 20.95 10.91 -6.36
N SER C 574 22.08 10.31 -6.65
CA SER C 574 22.21 9.49 -7.84
C SER C 574 21.50 8.14 -7.80
N THR C 575 21.15 7.64 -6.61
CA THR C 575 20.41 6.37 -6.48
C THR C 575 19.43 6.59 -5.35
N TRP C 576 18.49 5.66 -5.19
CA TRP C 576 17.49 5.76 -4.15
C TRP C 576 18.18 5.82 -2.79
N TYR C 577 19.27 5.10 -2.66
CA TYR C 577 20.03 5.06 -1.43
C TYR C 577 20.50 6.45 -1.08
N ASP C 578 20.83 7.25 -2.09
CA ASP C 578 21.31 8.61 -1.88
C ASP C 578 20.22 9.64 -1.64
N ALA C 579 18.98 9.25 -1.91
CA ALA C 579 17.85 10.14 -1.69
C ALA C 579 17.38 9.99 -0.24
N LYS C 580 17.52 8.80 0.33
CA LYS C 580 17.16 8.50 1.73
C LYS C 580 15.68 8.56 2.12
#